data_7G86
#
_entry.id   7G86
#
_cell.length_a   71.400
_cell.length_b   71.400
_cell.length_c   197.117
_cell.angle_alpha   90.000
_cell.angle_beta   90.000
_cell.angle_gamma   90.000
#
_symmetry.space_group_name_H-M   'P 43 21 2'
#
loop_
_entity.id
_entity.type
_entity.pdbx_description
1 polymer 'Transforming protein RhoA'
2 polymer 'Rho guanine nucleotide exchange factor 2'
3 non-polymer N-[(1H-indol-4-yl)methyl]ethanamine
4 non-polymer 'DIMETHYL SULFOXIDE'
5 non-polymer 'FORMIC ACID'
6 water water
#
loop_
_entity_poly.entity_id
_entity_poly.type
_entity_poly.pdbx_seq_one_letter_code
_entity_poly.pdbx_strand_id
1 'polypeptide(L)'
;SMAAIRKKLVIVGDGACGKTCLLIVFSKDQFPEVYVPTVFENYVADIEVDGKQVELALWDTAGQEDYDRLRPLSYPDTDV
ILMCFSIDSPDSLENIPEKWTPEVKHFCPNVPIILVGNKKDLRNDEHTRRELAKMKQEPVKPEEGRDMANRIGAFGYMEC
SAKTKDGVREVFEMATRAALQARRG
;
A
2 'polypeptide(L)'
;SMEMDEKDFAADSWSLAVDSSFLQQHKKEVMKQQDVIYELIQTELHHVRTLKIMTRLFRTGMLEELHLEPGVVQGLFPCV
DELSDIHTRFLSQLLERRRQALCPGSTRNFVIHRLGDLLISQFSGPSAEQMCKTYSEFCSRHSKALKLYKELYARDKRFQ
QFIRKVTRPAVLKRHGVQECILLVTQRITKYPLLISRILQHSHGIEEERQDLTTALGLVKELLSNVDEGIYQLEKGARLQ
EIYNR
;
B
#
loop_
_chem_comp.id
_chem_comp.type
_chem_comp.name
_chem_comp.formula
DMS non-polymer 'DIMETHYL SULFOXIDE' 'C2 H6 O S'
FMT non-polymer 'FORMIC ACID' 'C H2 O2'
YXB non-polymer N-[(1H-indol-4-yl)methyl]ethanamine 'C11 H14 N2'
#
# COMPACT_ATOMS: atom_id res chain seq x y z
N ALA A 4 -19.76 14.58 -7.79
CA ALA A 4 -18.94 13.53 -7.18
C ALA A 4 -18.00 14.08 -6.13
N ILE A 5 -18.30 13.81 -4.86
CA ILE A 5 -17.46 14.24 -3.76
C ILE A 5 -16.44 13.11 -3.47
N ARG A 6 -15.27 13.48 -2.96
CA ARG A 6 -14.21 12.52 -2.68
C ARG A 6 -14.24 12.12 -1.20
N LYS A 7 -14.23 10.82 -0.93
CA LYS A 7 -14.20 10.26 0.43
C LYS A 7 -13.07 9.24 0.55
N LYS A 8 -12.52 9.05 1.76
CA LYS A 8 -11.39 8.13 1.97
C LYS A 8 -11.79 7.01 2.91
N LEU A 9 -11.45 5.79 2.52
CA LEU A 9 -11.71 4.59 3.30
C LEU A 9 -10.40 3.89 3.60
N VAL A 10 -10.23 3.42 4.85
CA VAL A 10 -9.08 2.64 5.24
C VAL A 10 -9.57 1.33 5.87
N ILE A 11 -8.94 0.20 5.53
CA ILE A 11 -9.32 -1.07 6.13
CA ILE A 11 -9.31 -1.08 6.13
C ILE A 11 -8.24 -1.48 7.13
N VAL A 12 -8.69 -1.86 8.35
CA VAL A 12 -7.79 -2.29 9.41
CA VAL A 12 -7.86 -2.22 9.48
C VAL A 12 -8.17 -3.69 9.90
N GLY A 13 -7.26 -4.35 10.60
CA GLY A 13 -7.47 -5.70 11.08
C GLY A 13 -6.21 -6.54 10.99
N ASP A 14 -6.25 -7.75 11.56
CA ASP A 14 -5.07 -8.63 11.50
C ASP A 14 -4.82 -9.10 10.06
N GLY A 15 -3.58 -9.54 9.78
CA GLY A 15 -3.23 -10.06 8.46
C GLY A 15 -4.17 -11.16 7.96
N ALA A 16 -4.50 -12.11 8.84
CA ALA A 16 -5.40 -13.23 8.50
C ALA A 16 -6.86 -12.83 8.27
N CYS A 17 -7.23 -11.57 8.47
CA CYS A 17 -8.61 -11.13 8.28
C CYS A 17 -9.05 -11.08 6.81
N GLY A 18 -8.10 -11.07 5.87
CA GLY A 18 -8.38 -11.02 4.44
C GLY A 18 -8.68 -9.63 3.89
N LYS A 19 -8.18 -8.56 4.55
CA LYS A 19 -8.44 -7.20 4.08
CA LYS A 19 -8.44 -7.20 4.08
C LYS A 19 -7.91 -6.94 2.67
N THR A 20 -6.69 -7.45 2.36
CA THR A 20 -6.09 -7.23 1.04
C THR A 20 -6.95 -7.86 -0.03
N CYS A 21 -7.34 -9.12 0.15
CA CYS A 21 -8.21 -9.80 -0.82
C CYS A 21 -9.55 -9.06 -1.02
N LEU A 22 -10.15 -8.55 0.07
CA LEU A 22 -11.41 -7.83 -0.03
C LEU A 22 -11.30 -6.59 -0.95
N LEU A 23 -10.26 -5.76 -0.76
CA LEU A 23 -10.03 -4.57 -1.58
C LEU A 23 -9.81 -4.96 -3.06
N ILE A 24 -9.05 -6.04 -3.31
CA ILE A 24 -8.76 -6.48 -4.68
C ILE A 24 -10.07 -6.91 -5.39
N VAL A 25 -10.85 -7.76 -4.72
CA VAL A 25 -12.09 -8.28 -5.29
C VAL A 25 -13.09 -7.15 -5.56
N PHE A 26 -13.20 -6.16 -4.65
CA PHE A 26 -14.10 -5.04 -4.89
C PHE A 26 -13.63 -4.18 -6.08
N SER A 27 -12.33 -3.80 -6.09
CA SER A 27 -11.78 -2.95 -7.14
C SER A 27 -11.79 -3.56 -8.52
N LYS A 28 -11.66 -4.89 -8.63
CA LYS A 28 -11.73 -5.55 -9.93
C LYS A 28 -13.16 -6.02 -10.29
N ASP A 29 -14.10 -6.09 -9.29
CA ASP A 29 -15.45 -6.66 -9.41
C ASP A 29 -15.31 -8.10 -9.93
N GLN A 30 -14.32 -8.84 -9.36
CA GLN A 30 -13.95 -10.17 -9.81
C GLN A 30 -12.92 -10.77 -8.84
N PHE A 31 -13.03 -12.06 -8.51
CA PHE A 31 -11.96 -12.71 -7.75
C PHE A 31 -10.96 -13.13 -8.84
N PRO A 32 -9.70 -12.66 -8.75
CA PRO A 32 -8.71 -12.98 -9.80
C PRO A 32 -8.59 -14.47 -10.13
N GLU A 33 -8.75 -14.80 -11.42
CA GLU A 33 -8.69 -16.18 -11.90
C GLU A 33 -7.27 -16.64 -12.23
N VAL A 34 -6.44 -15.73 -12.75
CA VAL A 34 -5.09 -16.10 -13.15
C VAL A 34 -4.07 -15.91 -12.01
N TYR A 35 -4.05 -14.74 -11.41
CA TYR A 35 -3.10 -14.44 -10.34
C TYR A 35 -3.73 -13.59 -9.28
N VAL A 36 -3.57 -13.95 -7.99
CA VAL A 36 -4.11 -13.13 -6.91
C VAL A 36 -2.97 -12.26 -6.40
N PRO A 37 -3.05 -10.94 -6.58
CA PRO A 37 -1.96 -10.08 -6.11
C PRO A 37 -1.63 -10.22 -4.64
N THR A 38 -0.36 -10.11 -4.34
CA THR A 38 0.15 -10.13 -2.99
C THR A 38 -0.23 -8.81 -2.28
N VAL A 39 -0.17 -7.67 -3.02
CA VAL A 39 -0.37 -6.37 -2.39
C VAL A 39 -1.41 -5.53 -3.13
N PHE A 40 -1.89 -4.46 -2.48
CA PHE A 40 -2.86 -3.54 -3.06
C PHE A 40 -2.24 -2.14 -2.89
N GLU A 41 -2.14 -1.35 -3.97
CA GLU A 41 -1.52 -0.01 -3.90
C GLU A 41 -2.58 0.96 -3.36
N ASN A 42 -3.49 1.42 -4.23
CA ASN A 42 -4.68 2.20 -3.85
C ASN A 42 -5.66 2.10 -5.05
N TYR A 43 -6.83 2.66 -4.87
CA TYR A 43 -7.85 2.64 -5.94
C TYR A 43 -8.85 3.74 -5.61
N VAL A 44 -9.47 4.33 -6.62
CA VAL A 44 -10.53 5.31 -6.41
C VAL A 44 -11.77 4.73 -7.12
N ALA A 45 -12.73 4.23 -6.34
CA ALA A 45 -13.92 3.60 -6.91
C ALA A 45 -15.02 4.64 -7.16
N ASP A 46 -15.68 4.58 -8.33
CA ASP A 46 -16.82 5.46 -8.61
C ASP A 46 -18.07 4.73 -8.08
N ILE A 47 -18.65 5.24 -7.00
CA ILE A 47 -19.82 4.61 -6.37
CA ILE A 47 -19.82 4.61 -6.40
C ILE A 47 -21.02 5.55 -6.36
N GLU A 48 -22.20 5.02 -6.67
CA GLU A 48 -23.42 5.81 -6.60
C GLU A 48 -24.31 5.09 -5.60
N VAL A 49 -24.56 5.73 -4.46
CA VAL A 49 -25.37 5.10 -3.41
C VAL A 49 -26.50 6.03 -3.01
N ASP A 50 -27.74 5.53 -3.08
CA ASP A 50 -28.93 6.32 -2.74
C ASP A 50 -29.00 7.65 -3.54
N GLY A 51 -28.60 7.59 -4.82
CA GLY A 51 -28.62 8.74 -5.72
C GLY A 51 -27.47 9.72 -5.59
N LYS A 52 -26.49 9.43 -4.72
CA LYS A 52 -25.34 10.32 -4.52
C LYS A 52 -24.08 9.72 -5.13
N GLN A 53 -23.38 10.48 -5.95
CA GLN A 53 -22.16 10.01 -6.58
C GLN A 53 -20.96 10.37 -5.72
N VAL A 54 -20.12 9.37 -5.43
CA VAL A 54 -18.92 9.54 -4.62
C VAL A 54 -17.68 8.87 -5.29
N GLU A 55 -16.51 9.49 -5.15
CA GLU A 55 -15.24 8.89 -5.52
C GLU A 55 -14.67 8.38 -4.18
N LEU A 56 -14.63 7.08 -3.98
CA LEU A 56 -14.15 6.51 -2.71
C LEU A 56 -12.73 5.98 -2.86
N ALA A 57 -11.75 6.69 -2.26
CA ALA A 57 -10.36 6.25 -2.27
C ALA A 57 -10.20 5.08 -1.28
N LEU A 58 -9.57 3.98 -1.71
CA LEU A 58 -9.39 2.78 -0.89
C LEU A 58 -7.95 2.57 -0.51
N TRP A 59 -7.70 2.30 0.78
CA TRP A 59 -6.36 2.06 1.29
C TRP A 59 -6.31 0.80 2.18
N ASP A 60 -5.21 0.06 2.06
CA ASP A 60 -4.90 -1.13 2.86
C ASP A 60 -3.84 -0.75 3.92
N THR A 61 -3.88 -1.42 5.07
CA THR A 61 -2.86 -1.26 6.13
C THR A 61 -1.97 -2.55 6.23
N ALA A 62 -2.16 -3.54 5.33
CA ALA A 62 -1.37 -4.79 5.32
C ALA A 62 0.11 -4.46 5.19
N GLY A 63 0.91 -5.06 6.06
CA GLY A 63 2.34 -4.79 6.13
C GLY A 63 2.72 -3.79 7.21
N GLN A 64 1.74 -3.00 7.73
CA GLN A 64 2.00 -1.99 8.77
C GLN A 64 1.74 -2.46 10.20
N GLU A 65 1.26 -3.70 10.36
CA GLU A 65 0.86 -4.24 11.66
C GLU A 65 1.97 -4.21 12.73
N ASP A 66 3.25 -4.46 12.37
CA ASP A 66 4.30 -4.46 13.40
C ASP A 66 4.99 -3.09 13.58
N TYR A 67 4.54 -2.05 12.85
CA TYR A 67 5.21 -0.74 12.89
C TYR A 67 4.28 0.32 13.39
N ASP A 68 4.32 0.55 14.72
CA ASP A 68 3.40 1.44 15.44
C ASP A 68 3.53 2.93 15.09
N ARG A 69 4.65 3.35 14.51
CA ARG A 69 4.82 4.74 14.10
C ARG A 69 4.59 4.95 12.60
N LEU A 70 4.77 3.90 11.77
CA LEU A 70 4.49 4.02 10.35
C LEU A 70 2.98 3.89 10.14
N ARG A 71 2.34 2.92 10.82
CA ARG A 71 0.93 2.59 10.60
C ARG A 71 -0.06 3.76 10.74
N PRO A 72 0.06 4.63 11.76
CA PRO A 72 -0.88 5.77 11.88
C PRO A 72 -0.80 6.80 10.76
N LEU A 73 0.26 6.75 9.92
CA LEU A 73 0.38 7.65 8.77
C LEU A 73 -0.70 7.38 7.70
N SER A 74 -1.31 6.19 7.74
CA SER A 74 -2.40 5.84 6.83
C SER A 74 -3.74 6.51 7.26
N TYR A 75 -3.88 6.96 8.53
CA TYR A 75 -5.16 7.44 9.05
C TYR A 75 -5.62 8.88 8.73
N PRO A 76 -4.75 9.90 8.53
CA PRO A 76 -5.26 11.26 8.33
C PRO A 76 -6.40 11.41 7.32
N ASP A 77 -7.42 12.21 7.70
CA ASP A 77 -8.57 12.54 6.86
C ASP A 77 -9.38 11.35 6.43
N THR A 78 -9.33 10.23 7.19
CA THR A 78 -10.16 9.07 6.86
C THR A 78 -11.66 9.42 7.14
N ASP A 79 -12.56 9.06 6.20
CA ASP A 79 -14.01 9.31 6.33
C ASP A 79 -14.78 8.09 6.82
N VAL A 80 -14.25 6.88 6.58
CA VAL A 80 -14.89 5.66 7.04
C VAL A 80 -13.85 4.57 7.27
N ILE A 81 -14.00 3.82 8.37
CA ILE A 81 -13.10 2.70 8.63
C ILE A 81 -13.81 1.34 8.42
N LEU A 82 -13.15 0.39 7.72
CA LEU A 82 -13.64 -0.98 7.69
C LEU A 82 -12.75 -1.75 8.67
N MET A 83 -13.35 -2.24 9.74
CA MET A 83 -12.61 -2.99 10.75
CA MET A 83 -12.67 -2.99 10.81
C MET A 83 -12.91 -4.47 10.53
N CYS A 84 -11.90 -5.17 10.03
CA CYS A 84 -12.02 -6.52 9.55
CA CYS A 84 -12.04 -6.55 9.57
C CYS A 84 -11.55 -7.62 10.50
N PHE A 85 -12.26 -8.75 10.48
CA PHE A 85 -11.89 -9.98 11.17
C PHE A 85 -12.33 -11.13 10.24
N SER A 86 -11.79 -12.35 10.46
CA SER A 86 -12.18 -13.47 9.64
C SER A 86 -13.06 -14.41 10.43
N ILE A 87 -14.18 -14.84 9.82
CA ILE A 87 -15.12 -15.77 10.44
C ILE A 87 -14.46 -17.16 10.73
N ASP A 88 -13.38 -17.51 9.98
CA ASP A 88 -12.64 -18.75 10.28
C ASP A 88 -11.58 -18.55 11.39
N SER A 89 -11.53 -17.38 12.03
CA SER A 89 -10.55 -17.09 13.06
C SER A 89 -11.09 -16.31 14.25
N PRO A 90 -11.60 -16.99 15.27
CA PRO A 90 -12.01 -16.29 16.50
C PRO A 90 -10.88 -15.45 17.11
N ASP A 91 -9.60 -15.82 16.88
CA ASP A 91 -8.45 -15.05 17.37
C ASP A 91 -8.42 -13.64 16.74
N SER A 92 -8.76 -13.51 15.44
CA SER A 92 -8.81 -12.19 14.79
C SER A 92 -9.94 -11.31 15.37
N LEU A 93 -11.03 -11.93 15.85
CA LEU A 93 -12.15 -11.20 16.44
C LEU A 93 -11.77 -10.68 17.84
N GLU A 94 -11.05 -11.49 18.64
CA GLU A 94 -10.58 -11.13 19.98
C GLU A 94 -9.62 -9.91 19.95
N ASN A 95 -8.87 -9.75 18.86
CA ASN A 95 -7.95 -8.62 18.71
C ASN A 95 -8.63 -7.30 18.33
N ILE A 96 -9.93 -7.32 18.02
CA ILE A 96 -10.68 -6.13 17.68
C ILE A 96 -10.83 -5.15 18.88
N PRO A 97 -11.40 -5.54 20.04
CA PRO A 97 -11.55 -4.56 21.14
C PRO A 97 -10.22 -4.21 21.83
N GLU A 98 -9.27 -5.14 21.85
CA GLU A 98 -8.01 -4.91 22.54
C GLU A 98 -7.05 -3.97 21.83
N LYS A 99 -6.79 -4.22 20.55
CA LYS A 99 -5.78 -3.43 19.84
C LYS A 99 -6.35 -2.43 18.85
N TRP A 100 -7.14 -2.89 17.88
CA TRP A 100 -7.60 -2.05 16.79
C TRP A 100 -8.56 -0.95 17.14
N THR A 101 -9.58 -1.23 17.98
CA THR A 101 -10.56 -0.23 18.33
C THR A 101 -9.95 1.00 19.04
N PRO A 102 -9.15 0.85 20.13
CA PRO A 102 -8.58 2.05 20.77
C PRO A 102 -7.70 2.87 19.82
N GLU A 103 -6.96 2.19 18.91
CA GLU A 103 -6.10 2.86 17.96
C GLU A 103 -6.92 3.67 16.98
N VAL A 104 -7.97 3.06 16.39
CA VAL A 104 -8.83 3.75 15.45
C VAL A 104 -9.59 4.91 16.11
N LYS A 105 -10.03 4.76 17.38
CA LYS A 105 -10.72 5.86 18.06
C LYS A 105 -9.78 7.04 18.38
N HIS A 106 -8.48 6.75 18.58
CA HIS A 106 -7.51 7.79 18.88
C HIS A 106 -7.15 8.62 17.65
N PHE A 107 -6.76 7.96 16.55
CA PHE A 107 -6.34 8.61 15.31
C PHE A 107 -7.49 9.06 14.41
N CYS A 108 -8.69 8.44 14.55
CA CYS A 108 -9.86 8.81 13.72
C CYS A 108 -11.08 9.10 14.60
N PRO A 109 -11.01 10.13 15.46
CA PRO A 109 -12.16 10.41 16.35
C PRO A 109 -13.43 10.73 15.56
N ASN A 110 -14.55 10.16 15.98
CA ASN A 110 -15.85 10.41 15.34
C ASN A 110 -16.00 9.85 13.92
N VAL A 111 -15.04 9.02 13.47
CA VAL A 111 -15.14 8.44 12.15
C VAL A 111 -15.94 7.15 12.29
N PRO A 112 -16.98 6.94 11.46
CA PRO A 112 -17.75 5.67 11.58
C PRO A 112 -16.90 4.43 11.30
N ILE A 113 -17.11 3.38 12.11
CA ILE A 113 -16.44 2.10 11.95
C ILE A 113 -17.48 1.05 11.56
N ILE A 114 -17.24 0.32 10.49
CA ILE A 114 -18.13 -0.78 10.11
C ILE A 114 -17.35 -2.05 10.44
N LEU A 115 -17.88 -2.90 11.33
CA LEU A 115 -17.22 -4.16 11.67
C LEU A 115 -17.60 -5.20 10.58
N VAL A 116 -16.61 -5.71 9.87
CA VAL A 116 -16.83 -6.67 8.78
C VAL A 116 -16.28 -8.06 9.08
N GLY A 117 -17.17 -9.04 9.04
CA GLY A 117 -16.80 -10.44 9.19
C GLY A 117 -16.55 -11.00 7.81
N ASN A 118 -15.27 -11.21 7.45
CA ASN A 118 -14.83 -11.74 6.17
CA ASN A 118 -14.91 -11.73 6.13
C ASN A 118 -14.86 -13.28 6.14
N LYS A 119 -14.73 -13.91 4.94
CA LYS A 119 -14.66 -15.35 4.75
C LYS A 119 -15.89 -16.07 5.30
N LYS A 120 -17.08 -15.47 5.14
CA LYS A 120 -18.31 -16.08 5.66
C LYS A 120 -18.64 -17.44 5.04
N ASP A 121 -18.06 -17.73 3.86
CA ASP A 121 -18.21 -19.02 3.16
C ASP A 121 -17.53 -20.17 3.94
N LEU A 122 -16.65 -19.86 4.90
CA LEU A 122 -15.94 -20.86 5.70
C LEU A 122 -16.67 -21.24 6.99
N ARG A 123 -17.83 -20.62 7.29
CA ARG A 123 -18.61 -20.90 8.49
C ARG A 123 -19.14 -22.33 8.50
N ASN A 124 -19.48 -22.85 7.32
CA ASN A 124 -19.97 -24.21 7.19
C ASN A 124 -19.01 -25.11 6.37
N ASP A 125 -17.71 -24.77 6.36
CA ASP A 125 -16.67 -25.54 5.70
C ASP A 125 -16.17 -26.59 6.70
N GLU A 126 -16.33 -27.88 6.37
CA GLU A 126 -15.93 -29.00 7.23
C GLU A 126 -14.47 -28.96 7.63
N HIS A 127 -13.58 -28.62 6.69
CA HIS A 127 -12.15 -28.55 6.99
C HIS A 127 -11.86 -27.49 8.05
N THR A 128 -12.53 -26.32 7.94
CA THR A 128 -12.36 -25.24 8.90
C THR A 128 -12.83 -25.70 10.28
N ARG A 129 -13.99 -26.35 10.34
CA ARG A 129 -14.53 -26.84 11.60
C ARG A 129 -13.63 -27.88 12.26
N ARG A 130 -13.03 -28.77 11.47
CA ARG A 130 -12.12 -29.79 12.00
C ARG A 130 -10.84 -29.15 12.53
N GLU A 131 -10.25 -28.21 11.76
CA GLU A 131 -9.02 -27.53 12.17
C GLU A 131 -9.18 -26.71 13.45
N LEU A 132 -10.26 -25.91 13.55
CA LEU A 132 -10.50 -25.09 14.73
C LEU A 132 -10.79 -25.93 15.97
N ALA A 133 -11.45 -27.09 15.81
CA ALA A 133 -11.78 -27.99 16.93
C ALA A 133 -10.54 -28.52 17.66
N LYS A 134 -9.38 -28.53 17.00
CA LYS A 134 -8.11 -28.95 17.61
C LYS A 134 -7.65 -27.92 18.67
N MET A 135 -7.94 -26.62 18.43
CA MET A 135 -7.60 -25.58 19.41
C MET A 135 -8.81 -25.19 20.28
N LYS A 136 -9.83 -26.05 20.37
CA LYS A 136 -11.08 -25.86 21.11
C LYS A 136 -11.86 -24.62 20.63
N GLN A 137 -11.87 -24.41 19.31
CA GLN A 137 -12.55 -23.28 18.71
C GLN A 137 -13.58 -23.72 17.63
N GLU A 138 -14.37 -22.75 17.13
CA GLU A 138 -15.36 -22.94 16.07
C GLU A 138 -15.52 -21.63 15.27
N PRO A 139 -16.07 -21.63 14.04
CA PRO A 139 -16.21 -20.36 13.30
C PRO A 139 -17.03 -19.33 14.08
N VAL A 140 -16.72 -18.03 13.89
CA VAL A 140 -17.44 -16.96 14.57
C VAL A 140 -18.93 -17.02 14.21
N LYS A 141 -19.81 -17.02 15.22
CA LYS A 141 -21.25 -17.06 14.98
C LYS A 141 -21.76 -15.64 14.62
N PRO A 142 -22.83 -15.52 13.81
CA PRO A 142 -23.35 -14.17 13.49
C PRO A 142 -23.61 -13.28 14.71
N GLU A 143 -24.22 -13.83 15.79
CA GLU A 143 -24.51 -13.05 17.00
C GLU A 143 -23.25 -12.58 17.72
N GLU A 144 -22.15 -13.36 17.60
CA GLU A 144 -20.88 -12.97 18.22
C GLU A 144 -20.30 -11.74 17.50
N GLY A 145 -20.42 -11.72 16.17
CA GLY A 145 -20.01 -10.57 15.37
C GLY A 145 -20.86 -9.34 15.69
N ARG A 146 -22.20 -9.51 15.72
CA ARG A 146 -23.12 -8.41 16.05
C ARG A 146 -22.81 -7.82 17.45
N ASP A 147 -22.58 -8.70 18.44
CA ASP A 147 -22.29 -8.25 19.80
C ASP A 147 -20.98 -7.52 19.91
N MET A 148 -19.96 -7.95 19.16
CA MET A 148 -18.68 -7.25 19.19
C MET A 148 -18.87 -5.86 18.56
N ALA A 149 -19.62 -5.79 17.44
CA ALA A 149 -19.87 -4.51 16.77
C ALA A 149 -20.62 -3.55 17.71
N ASN A 150 -21.60 -4.08 18.45
CA ASN A 150 -22.37 -3.29 19.40
C ASN A 150 -21.42 -2.75 20.51
N ARG A 151 -20.62 -3.62 21.10
CA ARG A 151 -19.69 -3.31 22.17
C ARG A 151 -18.66 -2.21 21.80
N ILE A 152 -18.04 -2.30 20.61
CA ILE A 152 -17.05 -1.33 20.18
C ILE A 152 -17.65 0.00 19.65
N GLY A 153 -18.98 0.11 19.60
CA GLY A 153 -19.61 1.33 19.11
C GLY A 153 -19.53 1.45 17.60
N ALA A 154 -19.54 0.31 16.89
CA ALA A 154 -19.52 0.32 15.43
C ALA A 154 -20.80 0.95 14.88
N PHE A 155 -20.68 1.60 13.72
CA PHE A 155 -21.81 2.13 12.97
C PHE A 155 -22.73 0.96 12.57
N GLY A 156 -22.15 -0.17 12.20
CA GLY A 156 -22.91 -1.34 11.81
C GLY A 156 -22.06 -2.58 11.71
N TYR A 157 -22.74 -3.73 11.54
CA TYR A 157 -22.09 -5.03 11.39
C TYR A 157 -22.49 -5.63 10.05
N MET A 158 -21.50 -6.12 9.29
CA MET A 158 -21.77 -6.75 7.98
C MET A 158 -20.88 -7.99 7.78
N GLU A 159 -21.32 -8.92 6.93
CA GLU A 159 -20.55 -10.11 6.59
C GLU A 159 -20.38 -10.19 5.05
N CYS A 160 -19.30 -10.81 4.61
CA CYS A 160 -19.04 -10.96 3.18
C CYS A 160 -18.10 -12.12 2.93
N SER A 161 -17.98 -12.49 1.64
CA SER A 161 -17.06 -13.51 1.19
C SER A 161 -16.34 -12.95 -0.04
N ALA A 162 -15.05 -12.66 0.06
CA ALA A 162 -14.28 -12.21 -1.10
C ALA A 162 -14.16 -13.35 -2.15
N LYS A 163 -14.21 -14.63 -1.72
CA LYS A 163 -14.14 -15.77 -2.61
C LYS A 163 -15.35 -15.86 -3.56
N THR A 164 -16.58 -15.82 -3.02
CA THR A 164 -17.78 -15.89 -3.86
C THR A 164 -18.32 -14.54 -4.32
N LYS A 165 -17.77 -13.42 -3.77
CA LYS A 165 -18.19 -12.02 -3.99
C LYS A 165 -19.47 -11.63 -3.20
N ASP A 166 -20.14 -12.59 -2.54
CA ASP A 166 -21.37 -12.28 -1.79
C ASP A 166 -21.17 -11.28 -0.66
N GLY A 167 -21.94 -10.19 -0.69
CA GLY A 167 -21.90 -9.16 0.33
C GLY A 167 -20.83 -8.10 0.13
N VAL A 168 -19.91 -8.31 -0.80
CA VAL A 168 -18.82 -7.35 -1.04
C VAL A 168 -19.32 -6.00 -1.49
N ARG A 169 -20.11 -5.94 -2.57
CA ARG A 169 -20.65 -4.66 -3.04
C ARG A 169 -21.43 -3.90 -1.92
N GLU A 170 -22.27 -4.62 -1.20
CA GLU A 170 -23.05 -4.05 -0.10
C GLU A 170 -22.17 -3.40 0.97
N VAL A 171 -21.03 -4.03 1.31
CA VAL A 171 -20.11 -3.49 2.31
C VAL A 171 -19.61 -2.11 1.86
N PHE A 172 -19.16 -1.99 0.59
CA PHE A 172 -18.61 -0.73 0.11
C PHE A 172 -19.71 0.33 -0.12
N GLU A 173 -20.91 -0.08 -0.54
CA GLU A 173 -22.01 0.90 -0.69
C GLU A 173 -22.39 1.42 0.71
N MET A 174 -22.44 0.56 1.75
CA MET A 174 -22.75 1.01 3.10
C MET A 174 -21.63 1.92 3.64
N ALA A 175 -20.35 1.58 3.37
CA ALA A 175 -19.19 2.41 3.77
C ALA A 175 -19.34 3.82 3.19
N THR A 176 -19.82 3.92 1.93
CA THR A 176 -20.02 5.18 1.25
C THR A 176 -21.10 5.99 1.97
N ARG A 177 -22.21 5.33 2.32
CA ARG A 177 -23.30 5.95 3.08
C ARG A 177 -22.77 6.49 4.43
N ALA A 178 -21.99 5.68 5.16
CA ALA A 178 -21.41 6.10 6.44
C ALA A 178 -20.49 7.32 6.28
N ALA A 179 -19.62 7.31 5.24
CA ALA A 179 -18.70 8.40 4.93
C ALA A 179 -19.44 9.71 4.65
N LEU A 180 -20.64 9.64 4.07
CA LEU A 180 -21.44 10.82 3.73
C LEU A 180 -22.22 11.40 4.92
N GLN A 181 -22.35 10.67 6.04
CA GLN A 181 -23.13 11.16 7.18
C GLN A 181 -22.48 12.31 7.97
N ALA A 182 -23.31 13.12 8.67
CA ALA A 182 -22.88 14.27 9.49
C ALA A 182 -21.90 13.87 10.61
N SER B 1 6.20 6.69 -16.69
CA SER B 1 6.94 5.52 -17.19
CA SER B 1 6.99 5.56 -17.18
C SER B 1 7.17 5.59 -18.69
N MET B 2 8.28 5.01 -19.17
CA MET B 2 8.56 4.98 -20.60
C MET B 2 7.80 3.84 -21.25
N GLU B 3 7.39 4.03 -22.51
CA GLU B 3 6.58 3.07 -23.23
C GLU B 3 7.10 1.63 -23.21
N MET B 4 8.42 1.45 -23.42
CA MET B 4 9.03 0.11 -23.40
CA MET B 4 9.08 0.13 -23.40
C MET B 4 8.73 -0.63 -22.10
N ASP B 5 8.90 0.03 -20.96
CA ASP B 5 8.64 -0.62 -19.67
C ASP B 5 7.15 -0.84 -19.41
N GLU B 6 6.31 0.10 -19.82
CA GLU B 6 4.86 -0.01 -19.62
C GLU B 6 4.32 -1.22 -20.35
N LYS B 7 4.78 -1.43 -21.59
CA LYS B 7 4.34 -2.55 -22.39
C LYS B 7 4.87 -3.85 -21.80
N ASP B 8 6.15 -3.88 -21.36
CA ASP B 8 6.72 -5.10 -20.74
C ASP B 8 5.95 -5.50 -19.48
N PHE B 9 5.37 -4.54 -18.78
CA PHE B 9 4.61 -4.79 -17.53
C PHE B 9 3.11 -4.46 -17.67
N ALA B 10 2.55 -4.58 -18.87
CA ALA B 10 1.13 -4.30 -19.10
C ALA B 10 0.24 -5.45 -18.61
N ALA B 11 0.70 -6.70 -18.78
CA ALA B 11 -0.08 -7.88 -18.37
C ALA B 11 -0.29 -7.99 -16.84
N ASP B 12 -1.40 -8.60 -16.42
CA ASP B 12 -1.70 -8.76 -15.00
C ASP B 12 -0.73 -9.74 -14.30
N SER B 13 0.00 -10.56 -15.07
CA SER B 13 0.90 -11.53 -14.46
C SER B 13 2.08 -11.89 -15.40
N TRP B 14 3.11 -12.57 -14.85
CA TRP B 14 4.21 -13.08 -15.66
C TRP B 14 3.64 -14.13 -16.66
N SER B 15 2.73 -15.02 -16.18
CA SER B 15 2.12 -16.05 -17.01
CA SER B 15 2.11 -16.06 -16.99
C SER B 15 1.37 -15.50 -18.20
N LEU B 16 0.84 -14.27 -18.08
CA LEU B 16 0.13 -13.60 -19.20
C LEU B 16 1.10 -12.71 -20.03
N ALA B 17 2.25 -12.27 -19.44
CA ALA B 17 3.22 -11.44 -20.16
C ALA B 17 4.04 -12.24 -21.18
N VAL B 18 4.49 -13.43 -20.81
CA VAL B 18 5.31 -14.29 -21.70
C VAL B 18 4.45 -15.00 -22.79
N ASP B 19 5.09 -15.48 -23.87
CA ASP B 19 4.36 -16.21 -24.93
C ASP B 19 3.83 -17.51 -24.33
N SER B 20 2.64 -17.95 -24.73
CA SER B 20 2.07 -19.20 -24.18
C SER B 20 2.94 -20.43 -24.46
N SER B 21 3.67 -20.47 -25.61
CA SER B 21 4.57 -21.59 -25.91
C SER B 21 5.76 -21.63 -24.95
N PHE B 22 6.19 -20.47 -24.44
CA PHE B 22 7.29 -20.36 -23.49
C PHE B 22 6.81 -20.78 -22.09
N LEU B 23 5.61 -20.35 -21.71
CA LEU B 23 5.00 -20.69 -20.43
C LEU B 23 4.89 -22.21 -20.26
N GLN B 24 4.45 -22.90 -21.31
CA GLN B 24 4.30 -24.35 -21.30
C GLN B 24 5.57 -25.13 -21.05
N GLN B 25 6.75 -24.49 -21.16
CA GLN B 25 8.03 -25.15 -20.91
C GLN B 25 8.44 -25.18 -19.44
N HIS B 26 7.70 -24.50 -18.55
CA HIS B 26 8.11 -24.43 -17.14
C HIS B 26 7.21 -25.20 -16.21
N LYS B 27 7.78 -25.68 -15.10
CA LYS B 27 6.99 -26.36 -14.08
C LYS B 27 6.11 -25.34 -13.34
N LYS B 28 5.05 -25.84 -12.70
CA LYS B 28 4.09 -25.03 -11.95
C LYS B 28 4.79 -24.13 -10.91
N GLU B 29 5.73 -24.68 -10.14
CA GLU B 29 6.41 -23.92 -9.10
C GLU B 29 7.23 -22.73 -9.64
N VAL B 30 7.83 -22.87 -10.83
CA VAL B 30 8.58 -21.79 -11.46
C VAL B 30 7.64 -20.68 -11.89
N MET B 31 6.47 -21.02 -12.48
CA MET B 31 5.47 -20.02 -12.87
CA MET B 31 5.46 -20.04 -12.87
C MET B 31 5.02 -19.22 -11.63
N LYS B 32 4.79 -19.90 -10.47
CA LYS B 32 4.34 -19.22 -9.26
C LYS B 32 5.41 -18.25 -8.75
N GLN B 33 6.69 -18.69 -8.74
CA GLN B 33 7.81 -17.81 -8.37
C GLN B 33 7.89 -16.59 -9.32
N GLN B 34 7.85 -16.83 -10.64
CA GLN B 34 7.97 -15.75 -11.62
C GLN B 34 6.80 -14.75 -11.55
N ASP B 35 5.58 -15.23 -11.30
CA ASP B 35 4.43 -14.33 -11.13
C ASP B 35 4.66 -13.32 -9.97
N VAL B 36 5.24 -13.79 -8.83
CA VAL B 36 5.45 -12.90 -7.67
C VAL B 36 6.62 -11.92 -7.91
N ILE B 37 7.69 -12.39 -8.60
CA ILE B 37 8.82 -11.52 -8.93
C ILE B 37 8.33 -10.43 -9.90
N TYR B 38 7.47 -10.81 -10.85
CA TYR B 38 6.88 -9.87 -11.80
C TYR B 38 6.05 -8.81 -11.06
N GLU B 39 5.28 -9.23 -10.04
CA GLU B 39 4.51 -8.28 -9.23
C GLU B 39 5.45 -7.31 -8.51
N LEU B 40 6.56 -7.78 -7.92
CA LEU B 40 7.53 -6.88 -7.27
C LEU B 40 8.05 -5.79 -8.26
N ILE B 41 8.50 -6.22 -9.46
CA ILE B 41 9.07 -5.28 -10.43
C ILE B 41 7.98 -4.33 -10.95
N GLN B 42 6.81 -4.86 -11.28
CA GLN B 42 5.69 -4.05 -11.76
C GLN B 42 5.28 -2.98 -10.74
N THR B 43 5.16 -3.36 -9.45
CA THR B 43 4.82 -2.40 -8.39
C THR B 43 5.98 -1.40 -8.18
N GLU B 44 7.24 -1.84 -8.39
CA GLU B 44 8.36 -0.91 -8.27
C GLU B 44 8.30 0.12 -9.42
N LEU B 45 7.99 -0.32 -10.65
CA LEU B 45 7.83 0.57 -11.82
C LEU B 45 6.75 1.63 -11.51
N HIS B 46 5.62 1.22 -10.93
CA HIS B 46 4.51 2.13 -10.55
C HIS B 46 4.94 3.10 -9.44
N HIS B 47 5.73 2.62 -8.50
CA HIS B 47 6.23 3.42 -7.37
C HIS B 47 7.16 4.50 -7.90
N VAL B 48 8.05 4.14 -8.85
CA VAL B 48 8.94 5.12 -9.48
C VAL B 48 8.12 6.14 -10.27
N ARG B 49 7.05 5.70 -10.91
CA ARG B 49 6.14 6.59 -11.63
C ARG B 49 5.47 7.60 -10.67
N THR B 50 5.04 7.13 -9.49
CA THR B 50 4.48 8.01 -8.45
C THR B 50 5.49 9.08 -8.06
N LEU B 51 6.79 8.69 -7.91
CA LEU B 51 7.83 9.67 -7.58
C LEU B 51 8.05 10.64 -8.74
N LYS B 52 7.94 10.18 -10.00
CA LYS B 52 8.06 11.12 -11.14
C LYS B 52 6.90 12.12 -11.19
N ILE B 53 5.67 11.70 -10.81
CA ILE B 53 4.53 12.63 -10.76
C ILE B 53 4.83 13.72 -9.72
N MET B 54 5.31 13.31 -8.54
CA MET B 54 5.66 14.24 -7.47
C MET B 54 6.77 15.23 -7.86
N THR B 55 7.89 14.74 -8.44
CA THR B 55 8.99 15.62 -8.81
C THR B 55 8.66 16.48 -10.03
N ARG B 56 8.23 15.86 -11.14
CA ARG B 56 8.05 16.59 -12.40
C ARG B 56 6.73 17.34 -12.54
N LEU B 57 5.59 16.65 -12.31
CA LEU B 57 4.29 17.29 -12.47
C LEU B 57 3.96 18.27 -11.34
N PHE B 58 4.10 17.82 -10.10
CA PHE B 58 3.76 18.68 -8.97
C PHE B 58 4.85 19.69 -8.60
N ARG B 59 5.97 19.21 -8.02
CA ARG B 59 7.06 20.05 -7.53
C ARG B 59 7.57 21.07 -8.58
N THR B 60 8.02 20.58 -9.74
CA THR B 60 8.58 21.43 -10.77
C THR B 60 7.51 22.38 -11.37
N GLY B 61 6.26 21.91 -11.47
CA GLY B 61 5.18 22.76 -11.95
C GLY B 61 4.92 23.92 -11.01
N MET B 62 4.94 23.68 -9.69
CA MET B 62 4.74 24.76 -8.71
C MET B 62 5.90 25.76 -8.75
N LEU B 63 7.13 25.28 -9.00
CA LEU B 63 8.28 26.19 -9.08
C LEU B 63 8.20 27.05 -10.33
N GLU B 64 7.83 26.46 -11.47
CA GLU B 64 7.82 27.19 -12.73
C GLU B 64 6.56 28.04 -13.02
N GLU B 65 5.41 27.72 -12.36
N GLU B 65 5.36 27.51 -12.74
CA GLU B 65 4.14 28.45 -12.53
CA GLU B 65 4.14 28.18 -13.13
C GLU B 65 3.65 29.32 -11.33
C GLU B 65 3.52 29.04 -12.04
N LEU B 66 3.92 28.90 -10.08
N LEU B 66 3.80 28.72 -10.77
CA LEU B 66 3.40 29.64 -8.92
CA LEU B 66 3.31 29.51 -9.65
C LEU B 66 4.43 30.56 -8.25
C LEU B 66 4.42 30.36 -9.01
N HIS B 67 3.96 31.47 -7.35
N HIS B 67 5.71 30.03 -9.28
CA HIS B 67 4.82 32.38 -6.61
CA HIS B 67 6.89 30.68 -8.72
C HIS B 67 4.70 32.02 -5.12
C HIS B 67 6.87 30.65 -7.20
N LEU B 68 5.10 30.79 -4.76
N LEU B 68 6.46 29.50 -6.65
CA LEU B 68 5.03 30.35 -3.36
CA LEU B 68 6.39 29.32 -5.20
C LEU B 68 6.19 30.92 -2.55
C LEU B 68 7.79 29.31 -4.60
N GLU B 69 6.00 31.09 -1.25
N GLU B 69 7.89 29.79 -3.36
CA GLU B 69 7.05 31.60 -0.37
CA GLU B 69 9.13 29.86 -2.60
C GLU B 69 8.24 30.63 -0.30
C GLU B 69 9.69 28.45 -2.42
N PRO B 70 9.49 31.10 -0.04
N PRO B 70 10.98 28.27 -2.73
CA PRO B 70 10.63 30.16 0.01
CA PRO B 70 11.59 26.93 -2.62
C PRO B 70 10.46 29.07 1.07
C PRO B 70 11.33 26.20 -1.30
N GLY B 71 10.82 27.83 0.73
N GLY B 71 11.33 26.94 -0.18
CA GLY B 71 10.66 26.71 1.64
CA GLY B 71 11.06 26.36 1.13
C GLY B 71 9.28 26.05 1.61
C GLY B 71 9.65 25.83 1.26
N VAL B 72 8.34 26.61 0.82
N VAL B 72 8.66 26.53 0.67
CA VAL B 72 7.01 26.03 0.71
CA VAL B 72 7.26 26.12 0.69
C VAL B 72 7.02 24.73 -0.11
C VAL B 72 7.12 24.79 -0.08
N VAL B 73 7.66 24.73 -1.30
CA VAL B 73 7.67 23.51 -2.14
C VAL B 73 8.41 22.36 -1.45
N GLN B 74 9.52 22.68 -0.73
CA GLN B 74 10.26 21.66 0.01
CA GLN B 74 10.28 21.69 0.04
C GLN B 74 9.44 21.04 1.15
N GLY B 75 8.59 21.85 1.80
CA GLY B 75 7.70 21.39 2.86
C GLY B 75 6.61 20.47 2.33
N LEU B 76 6.12 20.74 1.11
CA LEU B 76 5.08 19.95 0.48
C LEU B 76 5.65 18.61 0.02
N PHE B 77 6.88 18.62 -0.52
CA PHE B 77 7.53 17.42 -1.07
C PHE B 77 8.88 17.11 -0.39
N PRO B 78 8.89 16.77 0.91
CA PRO B 78 10.19 16.51 1.57
C PRO B 78 10.91 15.32 0.96
N CYS B 79 12.26 15.40 0.76
CA CYS B 79 13.12 14.31 0.27
C CYS B 79 12.73 13.66 -1.06
N VAL B 80 11.89 14.28 -1.89
CA VAL B 80 11.43 13.64 -3.14
CA VAL B 80 11.41 13.64 -3.11
C VAL B 80 12.57 13.31 -4.10
N ASP B 81 13.58 14.17 -4.21
CA ASP B 81 14.70 13.89 -5.13
C ASP B 81 15.51 12.68 -4.61
N GLU B 82 15.73 12.60 -3.29
CA GLU B 82 16.48 11.48 -2.72
CA GLU B 82 16.48 11.47 -2.74
C GLU B 82 15.69 10.17 -2.87
N LEU B 83 14.37 10.20 -2.65
CA LEU B 83 13.51 9.00 -2.79
C LEU B 83 13.50 8.57 -4.26
N SER B 84 13.42 9.55 -5.20
CA SER B 84 13.44 9.24 -6.63
C SER B 84 14.78 8.60 -7.02
N ASP B 85 15.92 9.09 -6.47
CA ASP B 85 17.23 8.50 -6.80
C ASP B 85 17.38 7.07 -6.24
N ILE B 86 16.92 6.82 -5.01
CA ILE B 86 16.99 5.45 -4.41
C ILE B 86 16.21 4.42 -5.29
N HIS B 87 14.94 4.73 -5.60
CA HIS B 87 14.05 3.77 -6.29
C HIS B 87 14.31 3.69 -7.77
N THR B 88 14.75 4.78 -8.43
CA THR B 88 15.10 4.71 -9.85
C THR B 88 16.32 3.77 -10.03
N ARG B 89 17.30 3.85 -9.10
CA ARG B 89 18.46 2.97 -9.16
C ARG B 89 18.07 1.52 -8.93
N PHE B 90 17.21 1.27 -7.94
CA PHE B 90 16.75 -0.08 -7.63
C PHE B 90 15.96 -0.66 -8.82
N LEU B 91 15.06 0.14 -9.41
CA LEU B 91 14.27 -0.28 -10.58
C LEU B 91 15.23 -0.60 -11.77
N SER B 92 16.26 0.23 -11.97
CA SER B 92 17.24 -0.02 -13.04
CA SER B 92 17.23 -0.02 -13.03
C SER B 92 17.90 -1.40 -12.87
N GLN B 93 18.28 -1.75 -11.63
CA GLN B 93 18.90 -3.04 -11.34
C GLN B 93 17.92 -4.22 -11.61
N LEU B 94 16.65 -4.09 -11.19
CA LEU B 94 15.63 -5.11 -11.41
C LEU B 94 15.38 -5.28 -12.91
N LEU B 95 15.23 -4.18 -13.65
CA LEU B 95 14.98 -4.23 -15.10
C LEU B 95 16.20 -4.78 -15.86
N GLU B 96 17.42 -4.52 -15.38
CA GLU B 96 18.62 -5.07 -16.04
C GLU B 96 18.70 -6.61 -15.81
N ARG B 97 18.31 -7.08 -14.63
CA ARG B 97 18.27 -8.51 -14.32
C ARG B 97 17.27 -9.21 -15.25
N ARG B 98 16.08 -8.61 -15.48
CA ARG B 98 15.07 -9.13 -16.40
C ARG B 98 15.64 -9.14 -17.85
N ARG B 99 16.22 -8.02 -18.28
CA ARG B 99 16.73 -7.91 -19.64
CA ARG B 99 16.76 -7.87 -19.63
C ARG B 99 17.81 -8.95 -19.96
N GLN B 100 18.80 -9.11 -19.06
CA GLN B 100 19.85 -10.11 -19.27
C GLN B 100 19.27 -11.53 -19.34
N ALA B 101 18.15 -11.79 -18.66
CA ALA B 101 17.49 -13.09 -18.66
C ALA B 101 16.63 -13.39 -19.92
N LEU B 102 16.36 -12.39 -20.79
CA LEU B 102 15.52 -12.64 -21.97
C LEU B 102 16.14 -13.68 -22.90
N CYS B 103 15.29 -14.49 -23.53
CA CYS B 103 15.79 -15.43 -24.54
C CYS B 103 16.24 -14.64 -25.75
N PRO B 104 17.32 -15.04 -26.45
CA PRO B 104 17.65 -14.36 -27.71
C PRO B 104 16.49 -14.45 -28.69
N GLY B 105 16.22 -13.36 -29.34
CA GLY B 105 15.10 -13.28 -30.28
C GLY B 105 13.80 -12.87 -29.60
N SER B 106 13.79 -12.67 -28.27
CA SER B 106 12.56 -12.29 -27.55
C SER B 106 12.73 -11.03 -26.72
N THR B 107 11.68 -10.20 -26.64
CA THR B 107 11.66 -9.04 -25.75
C THR B 107 10.68 -9.27 -24.57
N ARG B 108 10.11 -10.50 -24.40
CA ARG B 108 9.18 -10.79 -23.32
C ARG B 108 9.41 -12.09 -22.56
N ASN B 109 10.08 -13.10 -23.16
CA ASN B 109 10.30 -14.40 -22.52
C ASN B 109 11.57 -14.42 -21.67
N PHE B 110 11.41 -14.54 -20.36
CA PHE B 110 12.54 -14.60 -19.44
C PHE B 110 12.15 -15.33 -18.16
N VAL B 111 13.17 -15.74 -17.41
CA VAL B 111 13.01 -16.33 -16.08
C VAL B 111 14.11 -15.72 -15.19
N ILE B 112 13.75 -15.14 -14.05
CA ILE B 112 14.74 -14.62 -13.11
C ILE B 112 14.94 -15.68 -12.02
N HIS B 113 16.12 -16.28 -11.99
CA HIS B 113 16.45 -17.31 -10.99
C HIS B 113 17.20 -16.76 -9.78
N ARG B 114 17.83 -15.56 -9.87
N ARG B 114 17.85 -15.62 -9.96
CA ARG B 114 18.74 -15.07 -8.81
CA ARG B 114 18.68 -14.99 -8.97
C ARG B 114 18.43 -13.70 -8.18
C ARG B 114 18.15 -13.59 -8.76
N LEU B 115 17.18 -13.46 -7.86
N LEU B 115 17.36 -13.44 -7.72
CA LEU B 115 16.76 -12.20 -7.26
CA LEU B 115 16.80 -12.19 -7.25
C LEU B 115 17.36 -11.90 -5.87
C LEU B 115 17.37 -11.89 -5.86
N GLY B 116 17.54 -12.94 -5.05
CA GLY B 116 18.04 -12.81 -3.68
C GLY B 116 19.24 -11.90 -3.49
N ASP B 117 20.28 -12.11 -4.30
CA ASP B 117 21.52 -11.33 -4.20
CA ASP B 117 21.52 -11.33 -4.20
C ASP B 117 21.27 -9.85 -4.46
N LEU B 118 20.40 -9.54 -5.39
CA LEU B 118 20.07 -8.15 -5.72
C LEU B 118 19.36 -7.51 -4.50
N LEU B 119 18.43 -8.25 -3.89
CA LEU B 119 17.71 -7.74 -2.72
C LEU B 119 18.64 -7.57 -1.51
N ILE B 120 19.64 -8.47 -1.33
CA ILE B 120 20.62 -8.32 -0.25
C ILE B 120 21.42 -7.03 -0.45
N SER B 121 21.86 -6.78 -1.68
CA SER B 121 22.61 -5.58 -2.01
CA SER B 121 22.61 -5.58 -2.01
C SER B 121 21.79 -4.30 -1.75
N GLN B 122 20.53 -4.27 -2.20
CA GLN B 122 19.68 -3.10 -1.99
C GLN B 122 19.43 -2.81 -0.49
N PHE B 123 19.21 -3.86 0.31
CA PHE B 123 18.84 -3.71 1.70
C PHE B 123 20.02 -3.88 2.68
N SER B 124 21.25 -3.62 2.21
CA SER B 124 22.44 -3.63 3.07
C SER B 124 23.44 -2.52 2.63
N GLY B 125 24.46 -2.28 3.46
CA GLY B 125 25.49 -1.29 3.17
C GLY B 125 25.00 0.13 3.03
N PRO B 126 25.73 0.95 2.26
CA PRO B 126 25.36 2.36 2.09
C PRO B 126 23.95 2.57 1.53
N SER B 127 23.47 1.70 0.61
CA SER B 127 22.14 1.91 0.08
C SER B 127 21.06 1.74 1.16
N ALA B 128 21.22 0.78 2.09
CA ALA B 128 20.27 0.62 3.19
C ALA B 128 20.39 1.80 4.15
N GLU B 129 21.62 2.31 4.39
CA GLU B 129 21.79 3.48 5.26
C GLU B 129 21.07 4.70 4.64
N GLN B 130 21.19 4.88 3.32
CA GLN B 130 20.51 5.98 2.65
CA GLN B 130 20.51 5.96 2.61
C GLN B 130 18.98 5.80 2.67
N MET B 131 18.47 4.55 2.50
CA MET B 131 17.02 4.30 2.55
C MET B 131 16.50 4.61 3.96
N CYS B 132 17.24 4.19 4.98
CA CYS B 132 16.83 4.41 6.37
C CYS B 132 16.82 5.92 6.69
N LYS B 133 17.88 6.62 6.34
CA LYS B 133 17.97 8.06 6.59
C LYS B 133 16.84 8.86 5.89
N THR B 134 16.61 8.53 4.61
CA THR B 134 15.60 9.19 3.76
C THR B 134 14.16 8.94 4.24
N TYR B 135 13.78 7.67 4.52
CA TYR B 135 12.42 7.38 4.98
C TYR B 135 12.18 7.88 6.42
N SER B 136 13.22 7.87 7.28
CA SER B 136 13.06 8.39 8.65
C SER B 136 12.73 9.89 8.57
N GLU B 137 13.40 10.62 7.65
CA GLU B 137 13.14 12.03 7.45
CA GLU B 137 13.10 12.04 7.48
C GLU B 137 11.75 12.25 6.81
N PHE B 138 11.51 11.60 5.64
CA PHE B 138 10.25 11.74 4.91
C PHE B 138 9.01 11.43 5.80
N CYS B 139 9.00 10.27 6.46
CA CYS B 139 7.87 9.85 7.29
C CYS B 139 7.65 10.77 8.49
N SER B 140 8.74 11.36 9.04
CA SER B 140 8.60 12.33 10.14
C SER B 140 8.04 13.70 9.65
N ARG B 141 8.02 13.94 8.34
CA ARG B 141 7.51 15.20 7.78
C ARG B 141 6.16 15.07 7.06
N HIS B 142 5.54 13.90 7.18
CA HIS B 142 4.31 13.52 6.52
C HIS B 142 3.17 14.43 6.97
N SER B 143 2.91 14.55 8.29
CA SER B 143 1.83 15.39 8.81
CA SER B 143 1.83 15.39 8.82
C SER B 143 1.99 16.84 8.41
N LYS B 144 3.22 17.39 8.50
CA LYS B 144 3.52 18.78 8.14
C LYS B 144 3.23 19.02 6.64
N ALA B 145 3.58 18.07 5.77
CA ALA B 145 3.34 18.20 4.33
C ALA B 145 1.83 18.26 4.04
N LEU B 146 1.04 17.35 4.68
CA LEU B 146 -0.41 17.27 4.50
C LEU B 146 -1.10 18.56 4.96
N LYS B 147 -0.68 19.06 6.10
CA LYS B 147 -1.23 20.28 6.67
C LYS B 147 -0.90 21.52 5.84
N LEU B 148 0.32 21.62 5.28
CA LEU B 148 0.72 22.74 4.44
C LEU B 148 -0.06 22.69 3.10
N TYR B 149 -0.30 21.48 2.56
CA TYR B 149 -1.06 21.31 1.32
C TYR B 149 -2.50 21.82 1.51
N LYS B 150 -3.14 21.41 2.62
CA LYS B 150 -4.54 21.79 2.88
C LYS B 150 -4.71 23.29 3.02
N GLU B 151 -3.79 23.95 3.74
CA GLU B 151 -3.85 25.40 3.92
CA GLU B 151 -3.88 25.39 3.91
C GLU B 151 -3.72 26.11 2.59
N LEU B 152 -2.76 25.67 1.76
CA LEU B 152 -2.54 26.28 0.45
C LEU B 152 -3.75 26.12 -0.48
N TYR B 153 -4.34 24.91 -0.52
CA TYR B 153 -5.51 24.62 -1.36
C TYR B 153 -6.71 25.46 -0.93
N ALA B 154 -6.88 25.67 0.38
CA ALA B 154 -8.02 26.42 0.88
C ALA B 154 -7.86 27.93 0.82
N ARG B 155 -6.62 28.46 0.84
CA ARG B 155 -6.43 29.92 0.88
CA ARG B 155 -6.36 29.91 0.91
C ARG B 155 -5.83 30.56 -0.37
N ASP B 156 -5.09 29.79 -1.19
CA ASP B 156 -4.47 30.33 -2.40
C ASP B 156 -5.21 29.91 -3.67
N LYS B 157 -5.83 30.89 -4.34
CA LYS B 157 -6.60 30.68 -5.57
C LYS B 157 -5.76 30.09 -6.71
N ARG B 158 -4.57 30.66 -6.98
CA ARG B 158 -3.71 30.16 -8.05
C ARG B 158 -3.20 28.74 -7.76
N PHE B 159 -3.00 28.40 -6.49
CA PHE B 159 -2.55 27.06 -6.10
C PHE B 159 -3.67 26.06 -6.38
N GLN B 160 -4.90 26.40 -5.99
CA GLN B 160 -6.08 25.57 -6.20
C GLN B 160 -6.29 25.30 -7.69
N GLN B 161 -6.18 26.35 -8.54
CA GLN B 161 -6.34 26.21 -9.99
C GLN B 161 -5.27 25.27 -10.56
N PHE B 162 -4.00 25.46 -10.12
CA PHE B 162 -2.88 24.61 -10.56
C PHE B 162 -3.19 23.12 -10.25
N ILE B 163 -3.56 22.82 -9.00
CA ILE B 163 -3.85 21.46 -8.57
C ILE B 163 -5.00 20.85 -9.40
N ARG B 164 -6.12 21.59 -9.50
CA ARG B 164 -7.28 21.13 -10.27
C ARG B 164 -6.90 20.89 -11.75
N LYS B 165 -6.04 21.73 -12.30
CA LYS B 165 -5.60 21.61 -13.68
C LYS B 165 -4.74 20.37 -13.93
N VAL B 166 -3.70 20.15 -13.09
CA VAL B 166 -2.77 19.05 -13.33
C VAL B 166 -3.32 17.70 -12.88
N THR B 167 -4.32 17.69 -11.96
CA THR B 167 -4.92 16.41 -11.56
C THR B 167 -6.19 16.05 -12.30
N ARG B 168 -6.65 16.90 -13.25
CA ARG B 168 -7.86 16.65 -14.02
C ARG B 168 -7.82 15.37 -14.91
N PRO B 169 -6.69 15.06 -15.58
CA PRO B 169 -6.67 13.87 -16.44
C PRO B 169 -6.98 12.58 -15.69
N ALA B 170 -7.72 11.68 -16.35
CA ALA B 170 -8.12 10.42 -15.73
C ALA B 170 -6.92 9.58 -15.29
N VAL B 171 -5.76 9.66 -16.00
CA VAL B 171 -4.58 8.88 -15.58
C VAL B 171 -4.03 9.33 -14.22
N LEU B 172 -4.42 10.51 -13.70
CA LEU B 172 -3.99 10.99 -12.37
C LEU B 172 -5.07 10.71 -11.28
N LYS B 173 -6.13 9.92 -11.60
CA LYS B 173 -7.22 9.66 -10.66
C LYS B 173 -6.75 9.21 -9.25
N ARG B 174 -5.77 8.29 -9.20
CA ARG B 174 -5.23 7.76 -7.95
C ARG B 174 -4.05 8.57 -7.40
N HIS B 175 -3.63 9.65 -8.09
CA HIS B 175 -2.38 10.30 -7.76
C HIS B 175 -2.45 11.81 -7.44
N GLY B 176 -3.39 12.25 -6.59
CA GLY B 176 -3.35 13.62 -6.09
C GLY B 176 -2.15 13.76 -5.14
N VAL B 177 -1.88 14.98 -4.64
CA VAL B 177 -0.71 15.21 -3.78
C VAL B 177 -0.69 14.31 -2.52
N GLN B 178 -1.77 14.31 -1.75
CA GLN B 178 -1.82 13.51 -0.51
C GLN B 178 -1.76 11.99 -0.81
N GLU B 179 -2.40 11.58 -1.89
CA GLU B 179 -2.40 10.16 -2.31
C GLU B 179 -0.97 9.71 -2.70
N CYS B 180 -0.20 10.56 -3.41
CA CYS B 180 1.19 10.22 -3.74
C CYS B 180 2.01 10.07 -2.45
N ILE B 181 1.84 11.00 -1.50
CA ILE B 181 2.57 10.96 -0.24
C ILE B 181 2.32 9.64 0.51
N LEU B 182 1.04 9.22 0.61
CA LEU B 182 0.70 7.97 1.29
C LEU B 182 1.18 6.72 0.48
N LEU B 183 1.10 6.75 -0.87
CA LEU B 183 1.60 5.63 -1.68
C LEU B 183 3.12 5.38 -1.40
N VAL B 184 3.88 6.47 -1.28
CA VAL B 184 5.32 6.39 -1.01
C VAL B 184 5.60 5.86 0.39
N THR B 185 4.92 6.40 1.42
CA THR B 185 5.04 5.95 2.81
C THR B 185 4.74 4.46 2.92
N GLN B 186 3.69 3.99 2.23
CA GLN B 186 3.30 2.57 2.31
C GLN B 186 4.19 1.64 1.49
N ARG B 187 4.96 2.17 0.53
CA ARG B 187 5.80 1.32 -0.32
C ARG B 187 6.72 0.40 0.49
N ILE B 188 7.46 0.98 1.45
CA ILE B 188 8.43 0.19 2.19
C ILE B 188 7.84 -1.01 2.94
N THR B 189 6.61 -0.86 3.46
CA THR B 189 5.98 -1.98 4.18
C THR B 189 5.37 -3.02 3.22
N LYS B 190 5.41 -2.81 1.88
CA LYS B 190 4.94 -3.85 0.93
C LYS B 190 6.06 -4.89 0.67
N TYR B 191 7.34 -4.50 0.85
CA TYR B 191 8.48 -5.36 0.52
C TYR B 191 8.47 -6.73 1.25
N PRO B 192 8.29 -6.78 2.60
CA PRO B 192 8.28 -8.09 3.28
C PRO B 192 7.24 -9.07 2.75
N LEU B 193 6.01 -8.61 2.45
CA LEU B 193 4.93 -9.44 1.93
CA LEU B 193 5.00 -9.53 1.96
C LEU B 193 5.37 -10.09 0.59
N LEU B 194 5.90 -9.25 -0.31
CA LEU B 194 6.31 -9.71 -1.63
C LEU B 194 7.50 -10.67 -1.51
N ILE B 195 8.50 -10.31 -0.70
CA ILE B 195 9.69 -11.13 -0.53
C ILE B 195 9.34 -12.48 0.10
N SER B 196 8.47 -12.53 1.14
CA SER B 196 8.10 -13.80 1.76
CA SER B 196 8.13 -13.81 1.75
CA SER B 196 8.09 -13.81 1.76
C SER B 196 7.39 -14.74 0.76
N ARG B 197 6.55 -14.17 -0.12
CA ARG B 197 5.83 -15.00 -1.09
C ARG B 197 6.80 -15.50 -2.18
N ILE B 198 7.77 -14.67 -2.58
CA ILE B 198 8.79 -15.12 -3.56
C ILE B 198 9.60 -16.27 -2.90
N LEU B 199 9.96 -16.11 -1.63
CA LEU B 199 10.70 -17.12 -0.89
C LEU B 199 9.91 -18.45 -0.83
N GLN B 200 8.60 -18.37 -0.62
CA GLN B 200 7.73 -19.54 -0.57
C GLN B 200 7.85 -20.44 -1.83
N HIS B 201 8.12 -19.83 -2.98
CA HIS B 201 8.25 -20.56 -4.22
C HIS B 201 9.71 -20.65 -4.73
N SER B 202 10.70 -20.42 -3.84
CA SER B 202 12.10 -20.43 -4.24
C SER B 202 12.92 -21.49 -3.50
N HIS B 203 12.30 -22.62 -3.10
CA HIS B 203 13.02 -23.69 -2.40
C HIS B 203 13.85 -24.61 -3.33
N GLY B 204 13.58 -24.57 -4.63
CA GLY B 204 14.25 -25.39 -5.64
C GLY B 204 15.76 -25.30 -5.63
N ILE B 205 16.31 -24.09 -5.41
CA ILE B 205 17.74 -23.90 -5.31
CA ILE B 205 17.75 -23.89 -5.32
C ILE B 205 18.03 -23.39 -3.90
N GLU B 206 18.73 -24.21 -3.09
CA GLU B 206 19.04 -23.90 -1.70
C GLU B 206 19.75 -22.56 -1.53
N GLU B 207 20.76 -22.25 -2.37
CA GLU B 207 21.43 -20.93 -2.29
C GLU B 207 20.42 -19.77 -2.47
N GLU B 208 19.38 -19.96 -3.33
CA GLU B 208 18.37 -18.92 -3.55
C GLU B 208 17.45 -18.76 -2.34
N ARG B 209 17.02 -19.89 -1.75
CA ARG B 209 16.23 -19.89 -0.53
C ARG B 209 17.00 -19.16 0.59
N GLN B 210 18.31 -19.43 0.71
CA GLN B 210 19.14 -18.78 1.73
C GLN B 210 19.26 -17.25 1.50
N ASP B 211 19.54 -16.83 0.26
CA ASP B 211 19.66 -15.40 -0.09
C ASP B 211 18.37 -14.61 0.17
N LEU B 212 17.22 -15.17 -0.20
CA LEU B 212 15.94 -14.49 0.06
C LEU B 212 15.62 -14.43 1.55
N THR B 213 16.05 -15.46 2.32
CA THR B 213 15.86 -15.48 3.76
C THR B 213 16.68 -14.34 4.37
N THR B 214 17.95 -14.15 3.90
CA THR B 214 18.79 -13.07 4.38
C THR B 214 18.16 -11.71 4.00
N ALA B 215 17.67 -11.58 2.74
CA ALA B 215 17.04 -10.35 2.23
C ALA B 215 15.82 -9.96 3.07
N LEU B 216 14.97 -10.95 3.40
CA LEU B 216 13.76 -10.69 4.18
C LEU B 216 14.14 -10.12 5.56
N GLY B 217 15.15 -10.71 6.19
CA GLY B 217 15.66 -10.25 7.48
C GLY B 217 16.17 -8.82 7.39
N LEU B 218 16.97 -8.51 6.35
CA LEU B 218 17.50 -7.14 6.16
C LEU B 218 16.35 -6.11 5.95
N VAL B 219 15.32 -6.46 5.16
CA VAL B 219 14.20 -5.54 4.93
C VAL B 219 13.47 -5.25 6.27
N LYS B 220 13.26 -6.30 7.09
CA LYS B 220 12.59 -6.13 8.39
C LYS B 220 13.44 -5.28 9.35
N GLU B 221 14.78 -5.43 9.32
CA GLU B 221 15.72 -4.63 10.15
CA GLU B 221 15.67 -4.62 10.16
C GLU B 221 15.56 -3.17 9.72
N LEU B 222 15.58 -2.89 8.39
CA LEU B 222 15.41 -1.52 7.87
C LEU B 222 14.07 -0.93 8.38
N LEU B 223 12.96 -1.66 8.22
CA LEU B 223 11.66 -1.15 8.65
C LEU B 223 11.62 -0.83 10.15
N SER B 224 12.21 -1.71 10.98
CA SER B 224 12.22 -1.48 12.43
CA SER B 224 12.24 -1.50 12.41
C SER B 224 13.03 -0.23 12.75
N ASN B 225 14.15 0.00 12.04
CA ASN B 225 15.00 1.18 12.25
C ASN B 225 14.24 2.44 11.83
N VAL B 226 13.56 2.42 10.68
CA VAL B 226 12.79 3.58 10.23
C VAL B 226 11.64 3.91 11.23
N ASP B 227 10.88 2.87 11.63
CA ASP B 227 9.77 3.01 12.55
C ASP B 227 10.25 3.65 13.88
N GLU B 228 11.43 3.24 14.34
CA GLU B 228 12.01 3.76 15.57
C GLU B 228 12.57 5.19 15.46
N GLY B 229 12.86 5.67 14.25
CA GLY B 229 13.39 7.01 14.04
C GLY B 229 12.37 8.06 13.64
N ILE B 230 11.08 7.73 13.73
CA ILE B 230 10.01 8.64 13.37
C ILE B 230 9.43 9.38 14.59
N TYR B 231 9.23 10.69 14.43
CA TYR B 231 8.59 11.57 15.38
C TYR B 231 7.98 12.66 14.51
N GLN B 232 6.64 12.78 14.45
CA GLN B 232 6.01 13.77 13.58
C GLN B 232 6.34 15.20 13.93
N LEU B 233 6.90 15.90 12.95
CA LEU B 233 7.17 17.30 13.09
C LEU B 233 5.85 18.06 13.00
N GLU B 234 5.74 19.15 13.75
CA GLU B 234 4.55 19.97 13.73
C GLU B 234 4.94 21.42 13.60
N LYS B 235 4.37 22.11 12.61
CA LYS B 235 4.64 23.53 12.41
C LYS B 235 4.11 24.31 13.61
N GLY B 236 4.96 25.16 14.18
CA GLY B 236 4.57 25.97 15.34
C GLY B 236 4.60 25.26 16.68
N ALA B 237 5.04 23.99 16.73
CA ALA B 237 5.12 23.28 18.01
C ALA B 237 6.25 23.91 18.83
N ARG B 238 5.96 24.19 20.09
CA ARG B 238 6.93 24.82 20.96
C ARG B 238 7.87 23.79 21.54
N LEU B 239 9.07 24.24 21.92
CA LEU B 239 10.08 23.37 22.51
CA LEU B 239 10.06 23.36 22.50
C LEU B 239 9.54 22.60 23.72
N GLN B 240 8.70 23.26 24.54
CA GLN B 240 8.12 22.62 25.72
C GLN B 240 7.30 21.38 25.34
N GLU B 241 6.50 21.46 24.25
CA GLU B 241 5.70 20.32 23.78
C GLU B 241 6.61 19.17 23.36
N ILE B 242 7.75 19.50 22.73
CA ILE B 242 8.73 18.54 22.27
C ILE B 242 9.48 17.88 23.42
N TYR B 243 10.14 18.64 24.33
CA TYR B 243 10.90 17.98 25.40
C TYR B 243 9.98 17.32 26.44
N ASN B 244 8.65 17.56 26.40
CA ASN B 244 7.71 16.83 27.27
C ASN B 244 7.01 15.69 26.52
N ARG B 245 7.55 15.25 25.35
CA ARG B 245 6.97 14.18 24.53
C ARG B 245 6.79 12.89 25.34
C13 YXB C . -1.86 5.62 20.78
C01 YXB C . -3.79 8.43 25.22
C02 YXB C . -4.11 7.01 24.74
N03 YXB C . -4.31 6.97 23.30
C04 YXB C . -3.04 6.90 22.62
C05 YXB C . -2.97 5.72 21.65
C06 YXB C . -3.96 4.75 21.62
C07 YXB C . -3.87 3.66 20.75
C08 YXB C . -2.77 3.56 19.89
C09 YXB C . -1.76 4.56 19.92
N10 YXB C . -0.61 4.70 19.20
C11 YXB C . 0.04 5.79 19.57
C12 YXB C . -0.70 6.41 20.57
C13 YXB D . -19.05 8.94 -11.26
C01 YXB D . -21.55 5.20 -15.11
C02 YXB D . -20.75 5.60 -13.86
N03 YXB D . -21.42 6.67 -13.15
C04 YXB D . -20.53 7.80 -13.00
C05 YXB D . -20.08 8.01 -11.56
C06 YXB D . -20.66 7.28 -10.52
C07 YXB D . -20.24 7.47 -9.21
C08 YXB D . -19.22 8.38 -8.92
C09 YXB D . -18.63 9.13 -9.97
N10 YXB D . -17.65 10.06 -9.97
C11 YXB D . -17.42 10.49 -11.20
C12 YXB D . -18.27 9.82 -12.06
S DMS E . -25.51 -9.35 9.76
O DMS E . -25.86 -9.59 11.22
C1 DMS E . -27.01 -8.98 8.84
C2 DMS E . -25.20 -11.01 9.08
S DMS F . -15.77 -1.24 -8.71
O DMS F . -16.16 0.12 -8.21
C1 DMS F . -14.81 -1.03 -10.23
C2 DMS F . -17.22 -1.95 -9.54
C FMT G . -28.34 -5.99 17.76
O1 FMT G . -28.93 -5.30 16.94
O2 FMT G . -27.50 -7.01 17.45
C FMT H . -9.36 3.41 -10.05
O1 FMT H . -8.68 4.08 -9.29
O2 FMT H . -9.16 3.34 -11.39
C FMT I . -4.95 12.38 16.50
O1 FMT I . -4.77 12.45 17.72
O2 FMT I . -6.13 12.61 15.88
C13 YXB J . 0.86 -18.44 -7.01
C01 YXB J . -2.03 -20.09 -2.72
C02 YXB J . -0.80 -20.44 -3.56
N03 YXB J . -0.62 -19.48 -4.63
C04 YXB J . -0.68 -20.18 -5.89
C05 YXB J . -0.27 -19.31 -7.08
C06 YXB J . -0.98 -19.43 -8.28
C07 YXB J . -0.62 -18.67 -9.38
C08 YXB J . 0.50 -17.85 -9.33
C09 YXB J . 1.24 -17.72 -8.12
N10 YXB J . 2.31 -16.96 -7.81
C11 YXB J . 2.67 -17.20 -6.56
C12 YXB J . 1.78 -18.11 -5.98
S DMS K . 19.15 -16.51 -22.29
O DMS K . 19.61 -15.47 -21.28
C1 DMS K . 17.66 -17.34 -21.63
C2 DMS K . 20.26 -17.95 -22.13
S DMS L . 12.16 -22.30 -7.48
O DMS L . 11.76 -23.39 -6.52
C1 DMS L . 10.85 -22.25 -8.72
C2 DMS L . 13.47 -22.96 -8.54
S DMS M . -9.58 30.01 -2.23
O DMS M . -8.84 28.91 -2.93
C1 DMS M . -11.32 29.47 -2.10
C2 DMS M . -9.88 31.33 -3.41
S DMS N . 2.48 -24.62 -16.09
O DMS N . 2.97 -24.95 -17.48
C1 DMS N . 1.81 -26.15 -15.37
C2 DMS N . 0.87 -23.80 -16.27
C FMT O . 20.02 -20.90 -10.71
O1 FMT O . 21.03 -20.23 -10.62
O2 FMT O . 19.03 -20.91 -9.78
C FMT P . 19.14 -14.36 -12.93
O1 FMT P . 18.60 -13.59 -12.14
O2 FMT P . 18.51 -15.40 -13.52
C FMT Q . -1.69 -14.58 -1.60
O1 FMT Q . -0.56 -14.59 -1.10
O2 FMT Q . -2.19 -13.58 -2.38
C FMT R . 6.29 -11.66 6.00
O1 FMT R . 7.08 -12.26 6.76
O2 FMT R . 5.84 -10.40 6.20
C FMT S . 17.00 13.24 3.15
O1 FMT S . 17.28 13.08 4.32
O2 FMT S . 17.33 12.35 2.19
C FMT T . 10.29 21.70 11.66
O1 FMT T . 9.48 21.98 10.80
O2 FMT T . 9.92 21.44 12.90
C FMT U . 17.81 -24.07 -12.85
O1 FMT U . 17.33 -25.09 -12.39
O2 FMT U . 17.39 -23.49 -14.01
#